data_7G95
#
_entry.id   7G95
#
_cell.length_a   71.128
_cell.length_b   71.128
_cell.length_c   196.223
_cell.angle_alpha   90.000
_cell.angle_beta   90.000
_cell.angle_gamma   90.000
#
_symmetry.space_group_name_H-M   'P 43 21 2'
#
loop_
_entity.id
_entity.type
_entity.pdbx_description
1 polymer 'Transforming protein RhoA'
2 polymer 'Rho guanine nucleotide exchange factor 2'
3 non-polymer N-methyl-4-sulfamoylbenzamide
4 non-polymer 'DIMETHYL SULFOXIDE'
5 non-polymer 'FORMIC ACID'
6 water water
#
loop_
_entity_poly.entity_id
_entity_poly.type
_entity_poly.pdbx_seq_one_letter_code
_entity_poly.pdbx_strand_id
1 'polypeptide(L)'
;SMAAIRKKLVIVGDGACGKTCLLIVFSKDQFPEVYVPTVFENYVADIEVDGKQVELALWDTAGQEDYDRLRPLSYPDTDV
ILMCFSIDSPDSLENIPEKWTPEVKHFCPNVPIILVGNKKDLRNDEHTRRELAKMKQEPVKPEEGRDMANRIGAFGYMEC
SAKTKDGVREVFEMATRAALQARRG
;
A
2 'polypeptide(L)'
;SMEMDEKDFAADSWSLAVDSSFLQQHKKEVMKQQDVIYELIQTELHHVRTLKIMTRLFRTGMLEELHLEPGVVQGLFPCV
DELSDIHTRFLSQLLERRRQALCPGSTRNFVIHRLGDLLISQFSGPSAEQMCKTYSEFCSRHSKALKLYKELYARDKRFQ
QFIRKVTRPAVLKRHGVQECILLVTQRITKYPLLISRILQHSHGIEEERQDLTTALGLVKELLSNVDEGIYQLEKGARLQ
EIYNR
;
B
#
loop_
_chem_comp.id
_chem_comp.type
_chem_comp.name
_chem_comp.formula
DMS non-polymer 'DIMETHYL SULFOXIDE' 'C2 H6 O S'
FMT non-polymer 'FORMIC ACID' 'C H2 O2'
W0Y non-polymer N-methyl-4-sulfamoylbenzamide 'C8 H10 N2 O3 S'
#
# COMPACT_ATOMS: atom_id res chain seq x y z
N ALA A 4 13.31 -20.33 7.40
CA ALA A 4 13.13 -19.01 8.02
C ALA A 4 11.68 -18.85 8.48
N ILE A 5 11.48 -18.20 9.63
CA ILE A 5 10.15 -17.96 10.16
C ILE A 5 9.62 -16.64 9.54
N ARG A 6 8.31 -16.54 9.32
CA ARG A 6 7.71 -15.36 8.71
C ARG A 6 7.10 -14.45 9.78
N LYS A 7 7.45 -13.16 9.78
CA LYS A 7 6.87 -12.19 10.71
C LYS A 7 6.31 -11.01 9.94
N LYS A 8 5.33 -10.32 10.50
CA LYS A 8 4.69 -9.18 9.84
C LYS A 8 4.94 -7.88 10.62
N LEU A 9 5.34 -6.84 9.90
CA LEU A 9 5.60 -5.52 10.48
C LEU A 9 4.65 -4.53 9.82
N VAL A 10 4.09 -3.61 10.62
CA VAL A 10 3.25 -2.54 10.08
C VAL A 10 3.77 -1.22 10.69
N ILE A 11 3.85 -0.16 9.85
CA ILE A 11 4.27 1.14 10.37
CA ILE A 11 4.27 1.16 10.35
C ILE A 11 3.05 2.07 10.40
N VAL A 12 2.91 2.77 11.53
CA VAL A 12 1.81 3.70 11.73
CA VAL A 12 1.82 3.66 11.84
C VAL A 12 2.37 5.08 12.11
N GLY A 13 1.55 6.10 11.99
CA GLY A 13 1.97 7.48 12.27
C GLY A 13 1.21 8.46 11.40
N ASP A 14 1.31 9.74 11.73
CA ASP A 14 0.60 10.77 10.96
C ASP A 14 1.11 10.83 9.54
N GLY A 15 0.31 11.42 8.64
CA GLY A 15 0.76 11.65 7.27
C GLY A 15 1.98 12.56 7.29
N ALA A 16 2.98 12.31 6.43
CA ALA A 16 4.21 13.13 6.45
C ALA A 16 5.11 12.89 7.71
N CYS A 17 4.94 11.76 8.41
CA CYS A 17 5.87 11.40 9.51
C CYS A 17 7.13 10.71 8.90
N GLY A 18 7.13 10.38 7.60
CA GLY A 18 8.25 9.74 6.93
C GLY A 18 8.19 8.24 6.88
N LYS A 19 7.03 7.62 7.22
CA LYS A 19 6.93 6.16 7.22
CA LYS A 19 6.94 6.15 7.22
C LYS A 19 7.18 5.54 5.84
N THR A 20 6.62 6.15 4.78
CA THR A 20 6.80 5.59 3.43
C THR A 20 8.27 5.62 3.04
N CYS A 21 8.92 6.76 3.26
CA CYS A 21 10.34 6.91 2.91
CA CYS A 21 10.32 6.91 2.91
C CYS A 21 11.21 5.93 3.66
N LEU A 22 10.88 5.68 4.93
CA LEU A 22 11.67 4.76 5.75
C LEU A 22 11.59 3.33 5.15
N LEU A 23 10.38 2.91 4.75
CA LEU A 23 10.22 1.58 4.14
C LEU A 23 10.93 1.47 2.77
N ILE A 24 10.88 2.55 1.98
CA ILE A 24 11.53 2.58 0.66
C ILE A 24 13.05 2.46 0.82
N VAL A 25 13.65 3.31 1.68
CA VAL A 25 15.09 3.29 1.89
C VAL A 25 15.57 1.95 2.42
N PHE A 26 14.85 1.34 3.38
CA PHE A 26 15.27 0.05 3.91
C PHE A 26 15.20 -1.03 2.82
N SER A 27 14.05 -1.11 2.11
CA SER A 27 13.82 -2.16 1.12
C SER A 27 14.74 -2.09 -0.09
N LYS A 28 15.20 -0.89 -0.45
CA LYS A 28 16.16 -0.73 -1.56
C LYS A 28 17.62 -0.66 -1.08
N ASP A 29 17.87 -0.46 0.25
CA ASP A 29 19.18 -0.25 0.87
C ASP A 29 19.82 1.03 0.30
N GLN A 30 19.00 2.06 -0.01
CA GLN A 30 19.51 3.26 -0.67
C GLN A 30 18.44 4.38 -0.62
N PHE A 31 18.87 5.66 -0.54
CA PHE A 31 17.90 6.75 -0.69
C PHE A 31 17.92 6.98 -2.22
N PRO A 32 16.79 6.71 -2.91
CA PRO A 32 16.80 6.84 -4.41
C PRO A 32 17.38 8.12 -4.95
N GLU A 33 18.31 7.99 -5.89
CA GLU A 33 18.97 9.14 -6.47
C GLU A 33 18.20 9.80 -7.58
N VAL A 34 17.37 9.04 -8.30
CA VAL A 34 16.66 9.57 -9.46
C VAL A 34 15.20 9.91 -9.18
N TYR A 35 14.46 8.99 -8.54
CA TYR A 35 13.04 9.24 -8.26
C TYR A 35 12.66 8.59 -6.95
N VAL A 36 12.07 9.36 -6.03
CA VAL A 36 11.62 8.79 -4.77
C VAL A 36 10.16 8.41 -4.95
N PRO A 37 9.80 7.12 -4.86
CA PRO A 37 8.39 6.74 -5.04
C PRO A 37 7.41 7.47 -4.11
N THR A 38 6.22 7.66 -4.60
CA THR A 38 5.15 8.27 -3.80
C THR A 38 4.57 7.25 -2.81
N VAL A 39 4.44 5.99 -3.26
CA VAL A 39 3.81 4.97 -2.45
C VAL A 39 4.70 3.72 -2.30
N PHE A 40 4.32 2.86 -1.33
CA PHE A 40 5.02 1.62 -1.04
C PHE A 40 3.94 0.51 -1.06
N GLU A 41 4.16 -0.54 -1.87
CA GLU A 41 3.18 -1.61 -2.02
C GLU A 41 3.33 -2.59 -0.81
N ASN A 42 4.37 -3.41 -0.83
CA ASN A 42 4.76 -4.27 0.28
C ASN A 42 6.17 -4.77 -0.06
N TYR A 43 6.76 -5.54 0.83
CA TYR A 43 8.10 -6.09 0.61
C TYR A 43 8.30 -7.19 1.63
N VAL A 44 9.08 -8.21 1.29
CA VAL A 44 9.39 -9.27 2.23
C VAL A 44 10.92 -9.30 2.35
N ALA A 45 11.43 -8.76 3.46
CA ALA A 45 12.87 -8.65 3.70
C ALA A 45 13.48 -9.92 4.26
N ASP A 46 14.65 -10.34 3.75
CA ASP A 46 15.36 -11.48 4.32
C ASP A 46 16.30 -10.85 5.34
N ILE A 47 16.07 -11.10 6.63
CA ILE A 47 16.87 -10.50 7.70
CA ILE A 47 16.91 -10.51 7.66
C ILE A 47 17.48 -11.59 8.58
N GLU A 48 18.75 -11.47 8.95
CA GLU A 48 19.38 -12.41 9.86
C GLU A 48 19.79 -11.59 11.06
N VAL A 49 19.20 -11.85 12.22
CA VAL A 49 19.51 -11.05 13.40
C VAL A 49 19.84 -11.97 14.55
N ASP A 50 21.04 -11.79 15.17
CA ASP A 50 21.47 -12.61 16.30
C ASP A 50 21.41 -14.13 15.99
N GLY A 51 21.84 -14.49 14.77
CA GLY A 51 21.87 -15.88 14.32
C GLY A 51 20.54 -16.47 13.89
N LYS A 52 19.46 -15.68 13.87
CA LYS A 52 18.13 -16.18 13.47
C LYS A 52 17.70 -15.62 12.13
N GLN A 53 17.24 -16.49 11.21
CA GLN A 53 16.79 -16.04 9.89
CA GLN A 53 16.80 -16.04 9.89
C GLN A 53 15.29 -15.80 9.89
N VAL A 54 14.87 -14.62 9.44
CA VAL A 54 13.46 -14.25 9.41
C VAL A 54 13.06 -13.66 8.04
N GLU A 55 11.85 -13.97 7.56
CA GLU A 55 11.28 -13.29 6.40
C GLU A 55 10.36 -12.24 7.05
N LEU A 56 10.67 -10.96 6.90
CA LEU A 56 9.90 -9.91 7.56
C LEU A 56 9.07 -9.17 6.51
N ALA A 57 7.76 -9.39 6.53
CA ALA A 57 6.86 -8.71 5.58
C ALA A 57 6.62 -7.28 6.08
N LEU A 58 6.78 -6.28 5.21
CA LEU A 58 6.67 -4.86 5.56
C LEU A 58 5.43 -4.21 4.95
N TRP A 59 4.67 -3.46 5.75
CA TRP A 59 3.44 -2.80 5.30
C TRP A 59 3.37 -1.37 5.80
N ASP A 60 2.82 -0.48 4.96
CA ASP A 60 2.63 0.93 5.23
C ASP A 60 1.11 1.21 5.45
N THR A 61 0.79 2.17 6.30
CA THR A 61 -0.60 2.62 6.47
C THR A 61 -0.81 4.01 5.78
N ALA A 62 0.19 4.51 5.01
CA ALA A 62 0.05 5.82 4.34
C ALA A 62 -1.16 5.80 3.40
N GLY A 63 -1.97 6.84 3.48
CA GLY A 63 -3.20 6.95 2.72
C GLY A 63 -4.43 6.52 3.51
N GLN A 64 -4.23 5.75 4.60
CA GLN A 64 -5.35 5.27 5.43
C GLN A 64 -5.66 6.13 6.65
N GLU A 65 -4.90 7.21 6.89
CA GLU A 65 -5.05 8.02 8.08
C GLU A 65 -6.44 8.60 8.28
N ASP A 66 -7.17 8.93 7.19
CA ASP A 66 -8.52 9.53 7.35
C ASP A 66 -9.68 8.51 7.33
N TYR A 67 -9.37 7.22 7.13
CA TYR A 67 -10.38 6.16 6.95
C TYR A 67 -10.35 5.15 8.08
N ASP A 68 -11.14 5.43 9.13
CA ASP A 68 -11.12 4.65 10.37
C ASP A 68 -11.64 3.21 10.28
N ARG A 69 -12.39 2.87 9.24
CA ARG A 69 -12.84 1.48 9.07
C ARG A 69 -11.95 0.70 8.07
N LEU A 70 -11.30 1.40 7.13
CA LEU A 70 -10.38 0.72 6.20
C LEU A 70 -9.06 0.45 6.90
N ARG A 71 -8.54 1.43 7.64
CA ARG A 71 -7.20 1.36 8.22
C ARG A 71 -6.92 0.11 9.08
N PRO A 72 -7.83 -0.30 9.98
CA PRO A 72 -7.57 -1.49 10.82
C PRO A 72 -7.45 -2.81 10.06
N LEU A 73 -7.87 -2.84 8.77
CA LEU A 73 -7.67 -4.04 7.95
C LEU A 73 -6.15 -4.31 7.70
N SER A 74 -5.29 -3.31 7.97
CA SER A 74 -3.84 -3.51 7.84
C SER A 74 -3.28 -4.30 9.07
N TYR A 75 -4.01 -4.33 10.21
CA TYR A 75 -3.48 -4.89 11.47
C TYR A 75 -3.52 -6.42 11.69
N PRO A 76 -4.46 -7.23 11.11
CA PRO A 76 -4.45 -8.67 11.45
C PRO A 76 -3.10 -9.37 11.41
N ASP A 77 -2.79 -10.10 12.49
CA ASP A 77 -1.59 -10.90 12.65
C ASP A 77 -0.28 -10.14 12.60
N THR A 78 -0.31 -8.85 12.96
CA THR A 78 0.93 -8.09 13.03
C THR A 78 1.78 -8.63 14.21
N ASP A 79 3.08 -8.79 14.00
CA ASP A 79 4.04 -9.26 15.00
C ASP A 79 4.82 -8.10 15.65
N VAL A 80 4.97 -6.97 14.95
CA VAL A 80 5.68 -5.80 15.50
C VAL A 80 5.14 -4.55 14.84
N ILE A 81 4.95 -3.49 15.64
CA ILE A 81 4.50 -2.20 15.15
C ILE A 81 5.63 -1.20 15.24
N LEU A 82 5.89 -0.46 14.15
CA LEU A 82 6.76 0.71 14.25
C LEU A 82 5.80 1.90 14.34
N MET A 83 5.87 2.68 15.42
CA MET A 83 5.00 3.84 15.59
CA MET A 83 5.00 3.82 15.60
C MET A 83 5.86 5.06 15.36
N CYS A 84 5.62 5.72 14.26
CA CYS A 84 6.46 6.78 13.79
CA CYS A 84 6.47 6.82 13.78
C CYS A 84 5.97 8.21 14.05
N PHE A 85 6.92 9.13 14.26
CA PHE A 85 6.66 10.57 14.34
C PHE A 85 7.87 11.24 13.68
N SER A 86 7.72 12.50 13.25
CA SER A 86 8.83 13.20 12.65
C SER A 86 9.46 14.14 13.68
N ILE A 87 10.79 14.15 13.80
CA ILE A 87 11.50 15.02 14.75
C ILE A 87 11.31 16.53 14.41
N ASP A 88 11.03 16.83 13.13
CA ASP A 88 10.73 18.22 12.73
C ASP A 88 9.26 18.61 12.96
N SER A 89 8.48 17.74 13.62
CA SER A 89 7.06 18.00 13.83
C SER A 89 6.61 17.64 15.24
N PRO A 90 6.83 18.53 16.23
CA PRO A 90 6.33 18.24 17.60
C PRO A 90 4.84 17.84 17.67
N ASP A 91 3.99 18.33 16.72
CA ASP A 91 2.57 17.96 16.63
C ASP A 91 2.40 16.45 16.30
N SER A 92 3.27 15.87 15.46
CA SER A 92 3.20 14.43 15.16
C SER A 92 3.45 13.59 16.44
N LEU A 93 4.22 14.12 17.41
CA LEU A 93 4.49 13.42 18.66
C LEU A 93 3.28 13.49 19.62
N GLU A 94 2.59 14.63 19.67
CA GLU A 94 1.40 14.81 20.50
C GLU A 94 0.24 13.82 20.14
N ASN A 95 0.10 13.45 18.87
CA ASN A 95 -0.93 12.49 18.45
C ASN A 95 -0.62 11.02 18.81
N ILE A 96 0.61 10.74 19.23
CA ILE A 96 1.01 9.39 19.58
C ILE A 96 0.21 8.83 20.77
N PRO A 97 0.13 9.52 21.94
CA PRO A 97 -0.53 8.88 23.09
C PRO A 97 -2.03 8.75 23.05
N GLU A 98 -2.75 9.72 22.48
CA GLU A 98 -4.21 9.64 22.56
C GLU A 98 -4.91 9.28 21.23
N LYS A 99 -4.16 9.08 20.11
CA LYS A 99 -4.79 8.58 18.89
C LYS A 99 -4.19 7.22 18.46
N TRP A 100 -2.89 7.20 18.12
CA TRP A 100 -2.27 5.99 17.63
C TRP A 100 -2.14 4.87 18.66
N THR A 101 -1.72 5.22 19.90
CA THR A 101 -1.49 4.20 20.91
C THR A 101 -2.75 3.44 21.29
N PRO A 102 -3.88 4.10 21.61
CA PRO A 102 -5.11 3.34 21.93
C PRO A 102 -5.58 2.47 20.76
N GLU A 103 -5.39 2.95 19.51
CA GLU A 103 -5.82 2.16 18.34
C GLU A 103 -4.99 0.87 18.22
N VAL A 104 -3.66 1.00 18.28
CA VAL A 104 -2.78 -0.14 18.14
C VAL A 104 -2.97 -1.12 19.28
N LYS A 105 -3.18 -0.60 20.53
CA LYS A 105 -3.38 -1.53 21.65
C LYS A 105 -4.70 -2.32 21.54
N HIS A 106 -5.70 -1.74 20.88
CA HIS A 106 -7.01 -2.37 20.71
C HIS A 106 -6.93 -3.48 19.68
N PHE A 107 -6.38 -3.17 18.47
CA PHE A 107 -6.34 -4.12 17.35
C PHE A 107 -5.14 -5.09 17.40
N CYS A 108 -4.06 -4.70 18.11
CA CYS A 108 -2.85 -5.52 18.21
C CYS A 108 -2.46 -5.71 19.69
N PRO A 109 -3.33 -6.36 20.49
CA PRO A 109 -3.00 -6.54 21.92
C PRO A 109 -1.73 -7.37 22.08
N ASN A 110 -0.86 -6.96 22.99
CA ASN A 110 0.38 -7.66 23.30
C ASN A 110 1.43 -7.63 22.17
N VAL A 111 1.21 -6.80 21.13
CA VAL A 111 2.22 -6.71 20.07
C VAL A 111 3.21 -5.64 20.47
N PRO A 112 4.54 -5.89 20.39
CA PRO A 112 5.49 -4.83 20.76
C PRO A 112 5.41 -3.65 19.83
N ILE A 113 5.56 -2.46 20.39
CA ILE A 113 5.56 -1.21 19.66
C ILE A 113 6.94 -0.58 19.84
N ILE A 114 7.56 -0.18 18.75
CA ILE A 114 8.81 0.54 18.84
C ILE A 114 8.48 1.94 18.39
N LEU A 115 8.72 2.95 19.28
CA LEU A 115 8.46 4.33 18.91
C LEU A 115 9.70 4.81 18.14
N VAL A 116 9.51 5.33 16.93
CA VAL A 116 10.62 5.75 16.07
C VAL A 116 10.53 7.23 15.70
N GLY A 117 11.58 7.97 16.05
CA GLY A 117 11.69 9.37 15.68
C GLY A 117 12.39 9.46 14.33
N ASN A 118 11.62 9.79 13.27
CA ASN A 118 12.15 9.89 11.91
C ASN A 118 12.76 11.29 11.61
N LYS A 119 13.48 11.42 10.47
CA LYS A 119 14.08 12.69 10.04
C LYS A 119 14.97 13.33 11.12
N LYS A 120 15.77 12.50 11.81
CA LYS A 120 16.63 13.04 12.88
C LYS A 120 17.64 14.08 12.39
N ASP A 121 17.97 14.04 11.08
CA ASP A 121 18.88 14.99 10.41
C ASP A 121 18.35 16.43 10.49
N LEU A 122 17.03 16.62 10.65
CA LEU A 122 16.43 17.96 10.70
C LEU A 122 16.58 18.67 12.06
N ARG A 123 17.09 17.95 13.08
CA ARG A 123 17.33 18.52 14.40
C ARG A 123 18.39 19.63 14.32
N ASN A 124 19.34 19.54 13.37
CA ASN A 124 20.38 20.55 13.18
C ASN A 124 20.27 21.21 11.79
N ASP A 125 19.03 21.38 11.30
CA ASP A 125 18.76 22.04 10.02
C ASP A 125 18.27 23.43 10.37
N GLU A 126 18.94 24.48 9.87
CA GLU A 126 18.56 25.85 10.21
C GLU A 126 17.19 26.25 9.68
N HIS A 127 16.81 25.84 8.47
CA HIS A 127 15.49 26.18 7.93
C HIS A 127 14.36 25.59 8.81
N THR A 128 14.57 24.36 9.32
CA THR A 128 13.62 23.72 10.21
C THR A 128 13.52 24.49 11.53
N ARG A 129 14.65 24.85 12.14
CA ARG A 129 14.63 25.57 13.41
C ARG A 129 13.95 26.95 13.28
N ARG A 130 14.17 27.64 12.15
CA ARG A 130 13.54 28.94 11.91
C ARG A 130 12.02 28.81 11.76
N GLU A 131 11.56 27.85 10.94
CA GLU A 131 10.14 27.61 10.72
C GLU A 131 9.42 27.25 12.02
N LEU A 132 10.00 26.33 12.81
CA LEU A 132 9.40 25.94 14.08
C LEU A 132 9.39 27.08 15.10
N ALA A 133 10.45 27.90 15.15
CA ALA A 133 10.54 29.04 16.09
C ALA A 133 9.45 30.09 15.87
N LYS A 134 8.86 30.14 14.67
CA LYS A 134 7.76 31.08 14.39
C LYS A 134 6.44 30.61 15.07
N MET A 135 6.32 29.30 15.37
CA MET A 135 5.16 28.75 16.08
C MET A 135 5.51 28.45 17.55
N LYS A 136 6.55 29.11 18.11
CA LYS A 136 7.04 28.91 19.48
C LYS A 136 7.41 27.43 19.70
N GLN A 137 8.05 26.81 18.69
CA GLN A 137 8.41 25.39 18.77
C GLN A 137 9.88 25.12 18.46
N GLU A 138 10.33 23.90 18.74
CA GLU A 138 11.68 23.46 18.43
C GLU A 138 11.65 21.98 18.02
N PRO A 139 12.65 21.45 17.29
CA PRO A 139 12.62 20.01 16.94
C PRO A 139 12.52 19.15 18.22
N VAL A 140 11.89 17.97 18.09
CA VAL A 140 11.74 17.07 19.24
C VAL A 140 13.12 16.71 19.82
N LYS A 141 13.28 16.85 21.13
CA LYS A 141 14.53 16.51 21.81
C LYS A 141 14.60 14.98 22.05
N PRO A 142 15.81 14.39 22.14
CA PRO A 142 15.87 12.93 22.40
C PRO A 142 15.14 12.50 23.65
N GLU A 143 15.23 13.26 24.75
CA GLU A 143 14.55 12.91 26.00
C GLU A 143 13.04 13.01 25.85
N GLU A 144 12.52 13.91 24.99
CA GLU A 144 11.07 13.99 24.77
C GLU A 144 10.59 12.70 24.06
N GLY A 145 11.36 12.22 23.09
CA GLY A 145 11.03 10.96 22.41
C GLY A 145 11.08 9.78 23.38
N ARG A 146 12.18 9.65 24.18
CA ARG A 146 12.30 8.54 25.15
C ARG A 146 11.15 8.58 26.16
N ASP A 147 10.82 9.77 26.70
CA ASP A 147 9.73 9.89 27.67
C ASP A 147 8.39 9.48 27.11
N MET A 148 8.15 9.81 25.83
CA MET A 148 6.85 9.43 25.23
C MET A 148 6.81 7.91 25.08
N ALA A 149 7.92 7.30 24.63
CA ALA A 149 8.00 5.85 24.47
C ALA A 149 7.80 5.14 25.82
N ASN A 150 8.38 5.70 26.88
CA ASN A 150 8.27 5.14 28.23
C ASN A 150 6.79 5.20 28.67
N ARG A 151 6.17 6.38 28.52
CA ARG A 151 4.77 6.64 28.86
C ARG A 151 3.77 5.70 28.15
N ILE A 152 3.96 5.48 26.83
CA ILE A 152 2.99 4.67 26.08
C ILE A 152 3.20 3.15 26.23
N GLY A 153 4.23 2.72 26.96
CA GLY A 153 4.48 1.27 27.14
C GLY A 153 5.20 0.65 25.95
N ALA A 154 5.96 1.45 25.20
CA ALA A 154 6.69 0.94 24.04
C ALA A 154 7.78 -0.03 24.48
N PHE A 155 8.09 -1.00 23.61
CA PHE A 155 9.19 -1.92 23.76
C PHE A 155 10.52 -1.14 23.83
N GLY A 156 10.61 -0.07 23.04
CA GLY A 156 11.79 0.77 23.04
C GLY A 156 11.64 1.99 22.18
N TYR A 157 12.65 2.87 22.21
CA TYR A 157 12.70 4.14 21.47
C TYR A 157 13.94 4.14 20.57
N MET A 158 13.76 4.54 19.30
CA MET A 158 14.86 4.58 18.34
C MET A 158 14.71 5.80 17.44
N GLU A 159 15.82 6.29 16.88
CA GLU A 159 15.79 7.42 15.93
C GLU A 159 16.48 7.00 14.63
N CYS A 160 16.10 7.65 13.54
CA CYS A 160 16.74 7.36 12.25
C CYS A 160 16.59 8.53 11.29
N SER A 161 17.33 8.45 10.18
CA SER A 161 17.19 9.41 9.11
C SER A 161 17.10 8.64 7.79
N ALA A 162 15.95 8.64 7.13
CA ALA A 162 15.84 7.97 5.82
C ALA A 162 16.75 8.67 4.78
N LYS A 163 16.88 10.00 4.87
CA LYS A 163 17.70 10.79 3.96
C LYS A 163 19.16 10.34 3.94
N THR A 164 19.78 10.18 5.11
CA THR A 164 21.18 9.76 5.20
C THR A 164 21.37 8.24 5.41
N LYS A 165 20.27 7.50 5.67
CA LYS A 165 20.22 6.08 5.99
C LYS A 165 20.67 5.76 7.44
N ASP A 166 21.16 6.76 8.19
CA ASP A 166 21.65 6.51 9.55
C ASP A 166 20.57 5.97 10.45
N GLY A 167 20.84 4.81 11.03
CA GLY A 167 19.93 4.20 11.99
C GLY A 167 18.85 3.33 11.39
N VAL A 168 18.70 3.36 10.06
CA VAL A 168 17.63 2.61 9.39
C VAL A 168 17.77 1.11 9.57
N ARG A 169 18.97 0.55 9.26
CA ARG A 169 19.15 -0.89 9.43
C ARG A 169 18.87 -1.34 10.88
N GLU A 170 19.36 -0.56 11.86
CA GLU A 170 19.20 -0.90 13.27
C GLU A 170 17.73 -0.97 13.70
N VAL A 171 16.89 -0.07 13.13
CA VAL A 171 15.47 -0.06 13.44
C VAL A 171 14.83 -1.40 13.01
N PHE A 172 15.12 -1.85 11.75
CA PHE A 172 14.50 -3.09 11.27
C PHE A 172 15.10 -4.34 11.95
N GLU A 173 16.39 -4.32 12.31
CA GLU A 173 16.99 -5.47 13.02
C GLU A 173 16.33 -5.58 14.41
N MET A 174 16.13 -4.45 15.10
CA MET A 174 15.50 -4.48 16.43
C MET A 174 14.03 -4.90 16.30
N ALA A 175 13.33 -4.39 15.27
CA ALA A 175 11.93 -4.79 15.02
C ALA A 175 11.82 -6.32 14.82
N THR A 176 12.83 -6.94 14.18
CA THR A 176 12.81 -8.39 13.96
C THR A 176 12.98 -9.11 15.31
N ARG A 177 13.93 -8.63 16.13
CA ARG A 177 14.13 -9.19 17.47
C ARG A 177 12.83 -9.07 18.31
N ALA A 178 12.16 -7.93 18.28
CA ALA A 178 10.89 -7.73 19.01
C ALA A 178 9.82 -8.71 18.53
N ALA A 179 9.71 -8.88 17.18
CA ALA A 179 8.75 -9.80 16.58
C ALA A 179 9.01 -11.26 16.99
N LEU A 180 10.28 -11.61 17.25
CA LEU A 180 10.63 -12.97 17.67
C LEU A 180 10.33 -13.26 19.15
N GLN A 181 10.32 -12.22 20.01
CA GLN A 181 10.10 -12.40 21.44
C GLN A 181 8.70 -12.91 21.74
N SER B 1 1.37 -10.40 -15.67
CA SER B 1 1.55 -9.35 -16.68
CA SER B 1 1.53 -9.35 -16.68
C SER B 1 2.12 -9.91 -17.99
N MET B 2 1.95 -9.19 -19.08
CA MET B 2 2.49 -9.58 -20.37
C MET B 2 3.81 -8.89 -20.60
N GLU B 3 4.76 -9.59 -21.27
CA GLU B 3 6.12 -9.10 -21.45
C GLU B 3 6.24 -7.69 -21.99
N MET B 4 5.39 -7.35 -22.99
CA MET B 4 5.42 -6.02 -23.60
CA MET B 4 5.36 -6.03 -23.62
C MET B 4 5.22 -4.92 -22.55
N ASP B 5 4.23 -5.07 -21.67
CA ASP B 5 3.96 -4.05 -20.62
C ASP B 5 5.00 -4.06 -19.52
N GLU B 6 5.47 -5.24 -19.14
CA GLU B 6 6.53 -5.38 -18.12
C GLU B 6 7.78 -4.63 -18.55
N LYS B 7 8.20 -4.80 -19.82
CA LYS B 7 9.40 -4.12 -20.31
C LYS B 7 9.17 -2.61 -20.36
N ASP B 8 7.96 -2.18 -20.80
CA ASP B 8 7.68 -0.73 -20.85
C ASP B 8 7.70 -0.07 -19.46
N PHE B 9 7.42 -0.84 -18.41
CA PHE B 9 7.38 -0.35 -17.04
C PHE B 9 8.48 -1.00 -16.15
N ALA B 10 9.59 -1.46 -16.76
CA ALA B 10 10.69 -2.08 -16.02
C ALA B 10 11.53 -1.04 -15.29
N ALA B 11 11.69 0.17 -15.89
CA ALA B 11 12.55 1.20 -15.28
C ALA B 11 11.99 1.75 -13.96
N ASP B 12 12.89 2.28 -13.09
CA ASP B 12 12.44 2.86 -11.82
C ASP B 12 11.67 4.16 -12.00
N SER B 13 11.78 4.81 -13.18
CA SER B 13 11.08 6.06 -13.39
C SER B 13 10.84 6.32 -14.90
N TRP B 14 10.00 7.32 -15.21
CA TRP B 14 9.80 7.74 -16.60
C TRP B 14 11.12 8.26 -17.18
N SER B 15 11.88 9.05 -16.38
CA SER B 15 13.15 9.62 -16.82
CA SER B 15 13.14 9.62 -16.83
C SER B 15 14.17 8.56 -17.21
N LEU B 16 14.07 7.35 -16.63
CA LEU B 16 14.98 6.23 -16.94
C LEU B 16 14.35 5.32 -18.03
N ALA B 17 13.01 5.35 -18.22
CA ALA B 17 12.33 4.54 -19.25
C ALA B 17 12.50 5.13 -20.67
N VAL B 18 12.40 6.45 -20.82
CA VAL B 18 12.55 7.08 -22.14
C VAL B 18 14.03 7.16 -22.57
N ASP B 19 14.32 7.38 -23.87
CA ASP B 19 15.70 7.53 -24.32
C ASP B 19 16.26 8.84 -23.71
N SER B 20 17.56 8.85 -23.34
CA SER B 20 18.13 10.09 -22.77
C SER B 20 18.07 11.28 -23.73
N SER B 21 18.15 11.03 -25.06
CA SER B 21 18.04 12.13 -26.03
C SER B 21 16.62 12.69 -26.09
N PHE B 22 15.60 11.90 -25.71
CA PHE B 22 14.23 12.39 -25.64
C PHE B 22 14.03 13.16 -24.31
N LEU B 23 14.54 12.61 -23.20
CA LEU B 23 14.45 13.26 -21.88
C LEU B 23 15.00 14.69 -21.91
N GLN B 24 16.16 14.86 -22.56
CA GLN B 24 16.83 16.16 -22.65
C GLN B 24 16.04 17.24 -23.33
N GLN B 25 15.03 16.88 -24.13
CA GLN B 25 14.20 17.87 -24.81
C GLN B 25 13.09 18.46 -23.94
N HIS B 26 12.92 17.97 -22.69
CA HIS B 26 11.83 18.44 -21.84
C HIS B 26 12.27 19.26 -20.65
N LYS B 27 11.40 20.13 -20.18
CA LYS B 27 11.65 20.90 -18.97
C LYS B 27 11.54 19.99 -17.74
N LYS B 28 12.22 20.37 -16.66
CA LYS B 28 12.24 19.62 -15.41
C LYS B 28 10.81 19.40 -14.88
N GLU B 29 9.95 20.43 -14.96
CA GLU B 29 8.58 20.28 -14.43
C GLU B 29 7.79 19.18 -15.16
N VAL B 30 8.03 19.04 -16.49
CA VAL B 30 7.40 18.00 -17.30
C VAL B 30 7.92 16.64 -16.86
N MET B 31 9.25 16.51 -16.65
CA MET B 31 9.82 15.26 -16.19
CA MET B 31 9.84 15.26 -16.17
C MET B 31 9.23 14.86 -14.82
N LYS B 32 9.10 15.83 -13.87
CA LYS B 32 8.52 15.51 -12.55
C LYS B 32 7.09 15.03 -12.67
N GLN B 33 6.28 15.72 -13.52
CA GLN B 33 4.90 15.28 -13.74
C GLN B 33 4.87 13.84 -14.34
N GLN B 34 5.66 13.59 -15.42
CA GLN B 34 5.64 12.26 -16.07
C GLN B 34 6.15 11.14 -15.17
N ASP B 35 7.13 11.43 -14.29
CA ASP B 35 7.62 10.40 -13.36
C ASP B 35 6.46 9.90 -12.44
N VAL B 36 5.58 10.81 -11.98
CA VAL B 36 4.47 10.38 -11.09
C VAL B 36 3.36 9.67 -11.88
N ILE B 37 3.07 10.15 -13.11
CA ILE B 37 2.09 9.44 -13.97
C ILE B 37 2.58 8.02 -14.26
N TYR B 38 3.88 7.88 -14.54
CA TYR B 38 4.50 6.57 -14.77
C TYR B 38 4.31 5.66 -13.52
N GLU B 39 4.52 6.23 -12.34
CA GLU B 39 4.35 5.44 -11.09
C GLU B 39 2.88 4.99 -10.95
N LEU B 40 1.92 5.85 -11.30
CA LEU B 40 0.49 5.46 -11.19
C LEU B 40 0.21 4.27 -12.13
N ILE B 41 0.69 4.35 -13.40
CA ILE B 41 0.44 3.26 -14.36
C ILE B 41 1.20 2.01 -13.95
N GLN B 42 2.47 2.16 -13.55
CA GLN B 42 3.27 0.99 -13.12
C GLN B 42 2.60 0.26 -11.94
N THR B 43 2.15 1.02 -10.91
CA THR B 43 1.52 0.38 -9.73
C THR B 43 0.13 -0.22 -10.12
N GLU B 44 -0.55 0.39 -11.12
CA GLU B 44 -1.81 -0.18 -11.60
C GLU B 44 -1.54 -1.52 -12.33
N LEU B 45 -0.49 -1.57 -13.18
CA LEU B 45 -0.09 -2.83 -13.86
C LEU B 45 0.17 -3.94 -12.80
N HIS B 46 0.89 -3.59 -11.70
CA HIS B 46 1.21 -4.54 -10.62
C HIS B 46 -0.06 -4.98 -9.85
N HIS B 47 -1.00 -4.05 -9.68
CA HIS B 47 -2.26 -4.33 -8.96
C HIS B 47 -3.10 -5.31 -9.80
N VAL B 48 -3.18 -5.08 -11.13
CA VAL B 48 -3.90 -6.01 -12.00
C VAL B 48 -3.20 -7.39 -11.96
N ARG B 49 -1.87 -7.41 -11.94
CA ARG B 49 -1.10 -8.65 -11.82
C ARG B 49 -1.43 -9.41 -10.50
N THR B 50 -1.56 -8.66 -9.37
CA THR B 50 -1.95 -9.24 -8.07
C THR B 50 -3.32 -9.91 -8.23
N LEU B 51 -4.26 -9.23 -8.91
CA LEU B 51 -5.60 -9.81 -9.12
C LEU B 51 -5.53 -11.07 -10.01
N LYS B 52 -4.64 -11.09 -11.02
CA LYS B 52 -4.48 -12.30 -11.86
C LYS B 52 -3.89 -13.45 -11.05
N ILE B 53 -2.94 -13.18 -10.13
CA ILE B 53 -2.43 -14.25 -9.24
C ILE B 53 -3.59 -14.85 -8.42
N MET B 54 -4.45 -13.99 -7.87
CA MET B 54 -5.60 -14.46 -7.10
C MET B 54 -6.60 -15.27 -7.95
N THR B 55 -6.96 -14.78 -9.16
CA THR B 55 -7.96 -15.50 -9.97
C THR B 55 -7.36 -16.75 -10.63
N ARG B 56 -6.22 -16.60 -11.31
CA ARG B 56 -5.65 -17.69 -12.10
C ARG B 56 -4.81 -18.68 -11.32
N LEU B 57 -3.88 -18.19 -10.49
CA LEU B 57 -2.98 -19.12 -9.79
C LEU B 57 -3.71 -19.79 -8.60
N PHE B 58 -4.27 -18.96 -7.69
CA PHE B 58 -4.91 -19.52 -6.49
C PHE B 58 -6.31 -20.05 -6.71
N ARG B 59 -7.27 -19.18 -7.05
CA ARG B 59 -8.66 -19.58 -7.17
C ARG B 59 -8.89 -20.74 -8.14
N THR B 60 -8.43 -20.59 -9.38
CA THR B 60 -8.63 -21.62 -10.39
C THR B 60 -7.78 -22.87 -10.07
N GLY B 61 -6.60 -22.70 -9.47
CA GLY B 61 -5.78 -23.83 -9.08
C GLY B 61 -6.46 -24.67 -8.02
N MET B 62 -7.15 -24.03 -7.06
CA MET B 62 -7.88 -24.77 -6.03
C MET B 62 -9.08 -25.49 -6.62
N LEU B 63 -9.80 -24.83 -7.54
CA LEU B 63 -10.95 -25.47 -8.19
C LEU B 63 -10.51 -26.69 -9.00
N GLU B 64 -9.35 -26.61 -9.66
CA GLU B 64 -8.88 -27.69 -10.53
C GLU B 64 -8.10 -28.82 -9.87
N GLU B 65 -7.41 -28.55 -8.75
N GLU B 65 -7.20 -28.53 -8.95
CA GLU B 65 -6.61 -29.55 -8.02
CA GLU B 65 -6.32 -29.56 -8.38
C GLU B 65 -7.24 -30.07 -6.71
C GLU B 65 -6.76 -30.07 -7.01
N LEU B 66 -7.97 -29.22 -5.98
N LEU B 66 -7.51 -29.26 -6.27
CA LEU B 66 -8.50 -29.61 -4.66
CA LEU B 66 -8.01 -29.68 -4.96
C LEU B 66 -9.99 -29.98 -4.65
C LEU B 66 -9.49 -30.09 -5.01
N HIS B 67 -10.46 -30.58 -3.54
N HIS B 67 -10.21 -29.71 -6.09
CA HIS B 67 -11.85 -30.98 -3.40
CA HIS B 67 -11.65 -29.93 -6.25
C HIS B 67 -12.52 -30.17 -2.30
C HIS B 67 -12.43 -29.41 -5.06
N LEU B 68 -12.33 -28.84 -2.32
N LEU B 68 -12.00 -28.25 -4.54
CA LEU B 68 -12.91 -27.98 -1.30
CA LEU B 68 -12.62 -27.61 -3.39
C LEU B 68 -14.43 -27.95 -1.39
C LEU B 68 -14.01 -27.10 -3.74
N GLU B 69 -15.09 -27.86 -0.24
N GLU B 69 -14.88 -27.03 -2.73
CA GLU B 69 -16.55 -27.79 -0.13
CA GLU B 69 -16.25 -26.56 -2.83
C GLU B 69 -17.09 -26.54 -0.85
C GLU B 69 -16.25 -25.11 -3.31
N PRO B 70 -18.28 -26.61 -1.46
N PRO B 70 -17.02 -24.81 -4.36
CA PRO B 70 -18.82 -25.43 -2.18
CA PRO B 70 -17.04 -23.44 -4.88
C PRO B 70 -18.92 -24.15 -1.35
C PRO B 70 -17.31 -22.35 -3.83
N GLY B 71 -18.54 -23.03 -1.95
N GLY B 71 -18.14 -22.64 -2.84
CA GLY B 71 -18.57 -21.74 -1.27
CA GLY B 71 -18.45 -21.69 -1.78
C GLY B 71 -17.31 -21.42 -0.46
C GLY B 71 -17.25 -21.40 -0.89
N VAL B 72 -16.36 -22.37 -0.39
N VAL B 72 -16.43 -22.42 -0.61
CA VAL B 72 -15.12 -22.15 0.33
CA VAL B 72 -15.23 -22.24 0.21
C VAL B 72 -14.18 -21.29 -0.53
C VAL B 72 -14.24 -21.35 -0.54
N VAL B 73 -14.04 -21.63 -1.83
CA VAL B 73 -13.17 -20.86 -2.72
C VAL B 73 -13.67 -19.40 -2.84
N GLN B 74 -15.01 -19.21 -2.93
CA GLN B 74 -15.56 -17.85 -3.00
CA GLN B 74 -15.61 -17.88 -2.98
C GLN B 74 -15.29 -17.06 -1.69
N GLY B 75 -15.28 -17.76 -0.56
CA GLY B 75 -14.99 -17.15 0.74
C GLY B 75 -13.54 -16.71 0.85
N LEU B 76 -12.62 -17.46 0.21
CA LEU B 76 -11.21 -17.11 0.23
C LEU B 76 -10.93 -15.94 -0.70
N PHE B 77 -11.61 -15.86 -1.85
CA PHE B 77 -11.35 -14.83 -2.87
C PHE B 77 -12.62 -14.05 -3.21
N PRO B 78 -13.18 -13.29 -2.25
CA PRO B 78 -14.43 -12.57 -2.55
C PRO B 78 -14.23 -11.52 -3.64
N CYS B 79 -15.20 -11.37 -4.58
CA CYS B 79 -15.23 -10.31 -5.60
C CYS B 79 -14.07 -10.26 -6.55
N VAL B 80 -13.20 -11.27 -6.59
CA VAL B 80 -12.00 -11.19 -7.43
CA VAL B 80 -12.00 -11.19 -7.41
C VAL B 80 -12.31 -11.02 -8.93
N ASP B 81 -13.36 -11.69 -9.46
CA ASP B 81 -13.67 -11.51 -10.90
C ASP B 81 -14.12 -10.05 -11.19
N GLU B 82 -14.95 -9.49 -10.32
CA GLU B 82 -15.44 -8.12 -10.47
CA GLU B 82 -15.42 -8.12 -10.53
C GLU B 82 -14.27 -7.13 -10.37
N LEU B 83 -13.39 -7.34 -9.36
CA LEU B 83 -12.24 -6.44 -9.18
C LEU B 83 -11.31 -6.52 -10.40
N SER B 84 -11.11 -7.72 -10.92
CA SER B 84 -10.24 -7.90 -12.09
C SER B 84 -10.84 -7.15 -13.29
N ASP B 85 -12.16 -7.24 -13.48
CA ASP B 85 -12.81 -6.54 -14.61
C ASP B 85 -12.66 -5.02 -14.47
N ILE B 86 -12.93 -4.47 -13.28
CA ILE B 86 -12.79 -3.02 -13.07
C ILE B 86 -11.36 -2.53 -13.40
N HIS B 87 -10.34 -3.19 -12.80
CA HIS B 87 -8.98 -2.71 -12.92
C HIS B 87 -8.34 -3.05 -14.26
N THR B 88 -8.70 -4.18 -14.86
CA THR B 88 -8.13 -4.53 -16.19
C THR B 88 -8.64 -3.49 -17.22
N ARG B 89 -9.92 -3.07 -17.12
CA ARG B 89 -10.46 -2.06 -18.01
C ARG B 89 -9.75 -0.73 -17.78
N PHE B 90 -9.55 -0.34 -16.51
CA PHE B 90 -8.88 0.92 -16.19
C PHE B 90 -7.45 0.92 -16.72
N LEU B 91 -6.75 -0.19 -16.49
CA LEU B 91 -5.35 -0.35 -16.96
C LEU B 91 -5.31 -0.26 -18.50
N SER B 92 -6.30 -0.88 -19.18
CA SER B 92 -6.36 -0.83 -20.64
CA SER B 92 -6.37 -0.82 -20.64
C SER B 92 -6.42 0.63 -21.12
N GLN B 93 -7.25 1.47 -20.48
CA GLN B 93 -7.36 2.89 -20.83
C GLN B 93 -6.06 3.66 -20.54
N LEU B 94 -5.40 3.37 -19.40
CA LEU B 94 -4.13 4.07 -19.09
C LEU B 94 -3.06 3.69 -20.14
N LEU B 95 -2.94 2.40 -20.47
CA LEU B 95 -1.93 1.95 -21.43
C LEU B 95 -2.24 2.44 -22.84
N GLU B 96 -3.53 2.59 -23.20
CA GLU B 96 -3.87 3.10 -24.54
C GLU B 96 -3.52 4.61 -24.64
N ARG B 97 -3.72 5.36 -23.55
CA ARG B 97 -3.36 6.79 -23.51
C ARG B 97 -1.84 6.94 -23.73
N ARG B 98 -1.03 6.10 -23.05
CA ARG B 98 0.41 6.10 -23.23
C ARG B 98 0.77 5.73 -24.68
N ARG B 99 0.20 4.65 -25.21
CA ARG B 99 0.50 4.18 -26.55
CA ARG B 99 0.47 4.16 -26.56
C ARG B 99 0.19 5.23 -27.62
N GLN B 100 -1.00 5.88 -27.55
CA GLN B 100 -1.35 6.95 -28.52
C GLN B 100 -0.35 8.13 -28.42
N ALA B 101 0.24 8.35 -27.23
CA ALA B 101 1.18 9.48 -27.07
C ALA B 101 2.62 9.15 -27.53
N LEU B 102 2.91 7.90 -27.95
CA LEU B 102 4.28 7.56 -28.39
C LEU B 102 4.67 8.34 -29.63
N CYS B 103 5.93 8.72 -29.73
CA CYS B 103 6.42 9.34 -30.96
C CYS B 103 6.48 8.28 -32.06
N PRO B 104 6.21 8.64 -33.32
CA PRO B 104 6.42 7.67 -34.42
C PRO B 104 7.89 7.21 -34.44
N GLY B 105 8.10 5.93 -34.65
CA GLY B 105 9.45 5.36 -34.64
C GLY B 105 9.93 4.96 -33.25
N SER B 106 9.08 5.12 -32.21
CA SER B 106 9.50 4.76 -30.86
C SER B 106 8.45 3.92 -30.16
N THR B 107 8.90 3.00 -29.31
CA THR B 107 8.00 2.25 -28.43
C THR B 107 8.22 2.67 -26.97
N ARG B 108 9.01 3.73 -26.68
CA ARG B 108 9.19 4.15 -25.30
C ARG B 108 9.10 5.64 -25.03
N ASN B 109 9.21 6.47 -26.07
CA ASN B 109 9.19 7.91 -25.88
C ASN B 109 7.78 8.49 -26.03
N PHE B 110 7.24 9.05 -24.92
CA PHE B 110 5.91 9.65 -24.88
C PHE B 110 5.83 10.65 -23.72
N VAL B 111 4.83 11.54 -23.80
CA VAL B 111 4.45 12.46 -22.73
C VAL B 111 2.92 12.41 -22.66
N ILE B 112 2.37 12.14 -21.46
CA ILE B 112 0.93 12.16 -21.25
C ILE B 112 0.58 13.54 -20.68
N HIS B 113 -0.07 14.37 -21.49
CA HIS B 113 -0.48 15.71 -21.07
C HIS B 113 -1.90 15.76 -20.50
N ARG B 114 -2.76 14.75 -20.80
N ARG B 114 -2.71 14.79 -20.88
CA ARG B 114 -4.19 14.85 -20.43
CA ARG B 114 -4.08 14.72 -20.47
C ARG B 114 -4.81 13.73 -19.54
C ARG B 114 -4.28 13.40 -19.76
N LEU B 115 -4.12 13.34 -18.49
N LEU B 115 -4.34 13.45 -18.44
CA LEU B 115 -4.60 12.29 -17.58
CA LEU B 115 -4.63 12.30 -17.59
C LEU B 115 -5.91 12.59 -16.80
C LEU B 115 -5.92 12.59 -16.79
N GLY B 116 -6.11 13.84 -16.38
CA GLY B 116 -7.28 14.22 -15.60
C GLY B 116 -8.63 13.73 -16.11
N ASP B 117 -8.87 13.86 -17.42
CA ASP B 117 -10.15 13.45 -18.01
CA ASP B 117 -10.14 13.45 -18.02
C ASP B 117 -10.38 11.96 -17.86
N LEU B 118 -9.33 11.16 -18.00
CA LEU B 118 -9.42 9.70 -17.87
C LEU B 118 -9.78 9.36 -16.41
N LEU B 119 -9.15 10.04 -15.44
CA LEU B 119 -9.42 9.80 -14.02
C LEU B 119 -10.83 10.23 -13.64
N ILE B 120 -11.33 11.37 -14.18
CA ILE B 120 -12.72 11.79 -13.91
C ILE B 120 -13.69 10.71 -14.40
N SER B 121 -13.43 10.18 -15.61
CA SER B 121 -14.30 9.14 -16.18
CA SER B 121 -14.27 9.14 -16.19
C SER B 121 -14.25 7.88 -15.30
N GLN B 122 -13.06 7.44 -14.88
CA GLN B 122 -12.97 6.25 -14.05
C GLN B 122 -13.72 6.45 -12.68
N PHE B 123 -13.52 7.60 -12.05
CA PHE B 123 -14.07 7.83 -10.71
C PHE B 123 -15.43 8.56 -10.70
N SER B 124 -16.20 8.47 -11.80
CA SER B 124 -17.57 9.02 -11.86
C SER B 124 -18.48 8.04 -12.64
N GLY B 125 -19.79 8.23 -12.57
CA GLY B 125 -20.74 7.38 -13.28
C GLY B 125 -20.79 5.94 -12.84
N PRO B 126 -21.30 5.05 -13.72
CA PRO B 126 -21.45 3.63 -13.35
C PRO B 126 -20.16 2.95 -12.93
N SER B 127 -19.00 3.28 -13.54
CA SER B 127 -17.75 2.64 -13.14
C SER B 127 -17.44 2.99 -11.66
N ALA B 128 -17.71 4.24 -11.24
CA ALA B 128 -17.45 4.61 -9.82
C ALA B 128 -18.42 3.93 -8.87
N GLU B 129 -19.71 3.80 -9.29
CA GLU B 129 -20.71 3.09 -8.47
C GLU B 129 -20.27 1.63 -8.28
N GLN B 130 -19.81 0.98 -9.36
CA GLN B 130 -19.35 -0.40 -9.29
CA GLN B 130 -19.33 -0.39 -9.35
C GLN B 130 -18.13 -0.53 -8.39
N MET B 131 -17.17 0.44 -8.47
CA MET B 131 -15.99 0.40 -7.60
C MET B 131 -16.42 0.51 -6.14
N CYS B 132 -17.36 1.41 -5.83
CA CYS B 132 -17.84 1.59 -4.46
C CYS B 132 -18.54 0.32 -3.96
N LYS B 133 -19.44 -0.28 -4.76
CA LYS B 133 -20.12 -1.51 -4.31
C LYS B 133 -19.15 -2.68 -4.11
N THR B 134 -18.24 -2.87 -5.08
CA THR B 134 -17.30 -3.97 -5.02
C THR B 134 -16.31 -3.87 -3.85
N TYR B 135 -15.71 -2.68 -3.61
CA TYR B 135 -14.77 -2.54 -2.47
C TYR B 135 -15.51 -2.58 -1.13
N SER B 136 -16.77 -2.10 -1.09
CA SER B 136 -17.52 -2.17 0.17
C SER B 136 -17.75 -3.67 0.54
N GLU B 137 -18.02 -4.51 -0.47
CA GLU B 137 -18.23 -5.93 -0.28
CA GLU B 137 -18.21 -5.93 -0.22
C GLU B 137 -16.87 -6.61 0.07
N PHE B 138 -15.83 -6.33 -0.75
CA PHE B 138 -14.51 -6.93 -0.57
C PHE B 138 -13.93 -6.65 0.83
N CYS B 139 -13.88 -5.37 1.20
CA CYS B 139 -13.30 -4.97 2.46
C CYS B 139 -14.12 -5.47 3.66
N SER B 140 -15.46 -5.66 3.49
CA SER B 140 -16.27 -6.27 4.57
C SER B 140 -16.05 -7.79 4.70
N ARG B 141 -15.51 -8.43 3.66
CA ARG B 141 -15.25 -9.89 3.66
C ARG B 141 -13.77 -10.26 3.86
N HIS B 142 -12.92 -9.24 4.03
CA HIS B 142 -11.48 -9.37 4.11
C HIS B 142 -11.06 -10.25 5.33
N SER B 143 -11.51 -9.91 6.53
CA SER B 143 -11.13 -10.67 7.73
CA SER B 143 -11.16 -10.65 7.75
C SER B 143 -11.59 -12.13 7.66
N LYS B 144 -12.81 -12.37 7.15
CA LYS B 144 -13.35 -13.73 6.99
C LYS B 144 -12.48 -14.53 6.04
N ALA B 145 -12.02 -13.89 4.94
CA ALA B 145 -11.15 -14.59 3.97
C ALA B 145 -9.85 -15.02 4.65
N LEU B 146 -9.22 -14.12 5.43
CA LEU B 146 -7.95 -14.44 6.12
C LEU B 146 -8.14 -15.58 7.14
N LYS B 147 -9.25 -15.57 7.88
CA LYS B 147 -9.52 -16.63 8.87
C LYS B 147 -9.77 -17.97 8.21
N LEU B 148 -10.50 -17.98 7.09
CA LEU B 148 -10.77 -19.21 6.34
C LEU B 148 -9.45 -19.78 5.82
N TYR B 149 -8.57 -18.90 5.31
CA TYR B 149 -7.27 -19.33 4.80
C TYR B 149 -6.44 -20.01 5.90
N LYS B 150 -6.33 -19.34 7.07
CA LYS B 150 -5.54 -19.87 8.17
C LYS B 150 -6.08 -21.21 8.67
N GLU B 151 -7.41 -21.36 8.70
CA GLU B 151 -8.02 -22.61 9.14
CA GLU B 151 -8.03 -22.62 9.13
C GLU B 151 -7.68 -23.74 8.16
N LEU B 152 -7.86 -23.50 6.85
CA LEU B 152 -7.56 -24.51 5.84
C LEU B 152 -6.07 -24.88 5.81
N TYR B 153 -5.16 -23.88 5.91
CA TYR B 153 -3.72 -24.18 5.90
C TYR B 153 -3.30 -25.03 7.12
N ALA B 154 -3.91 -24.79 8.28
CA ALA B 154 -3.55 -25.53 9.49
C ALA B 154 -4.14 -26.93 9.56
N ARG B 155 -5.27 -27.18 8.90
CA ARG B 155 -5.95 -28.48 9.04
CA ARG B 155 -6.01 -28.44 9.01
C ARG B 155 -5.98 -29.37 7.80
N ASP B 156 -5.78 -28.83 6.59
CA ASP B 156 -5.84 -29.64 5.37
C ASP B 156 -4.48 -29.82 4.70
N LYS B 157 -3.97 -31.06 4.71
CA LYS B 157 -2.69 -31.43 4.11
C LYS B 157 -2.59 -31.10 2.62
N ARG B 158 -3.60 -31.49 1.81
CA ARG B 158 -3.57 -31.21 0.38
C ARG B 158 -3.59 -29.67 0.12
N PHE B 159 -4.36 -28.92 0.93
CA PHE B 159 -4.41 -27.46 0.80
C PHE B 159 -3.00 -26.87 1.11
N GLN B 160 -2.37 -27.36 2.20
CA GLN B 160 -1.04 -26.88 2.58
C GLN B 160 -0.02 -27.18 1.48
N GLN B 161 -0.06 -28.41 0.93
CA GLN B 161 0.87 -28.77 -0.15
C GLN B 161 0.66 -27.88 -1.39
N PHE B 162 -0.62 -27.57 -1.71
CA PHE B 162 -0.98 -26.73 -2.86
C PHE B 162 -0.39 -25.34 -2.67
N ILE B 163 -0.63 -24.74 -1.51
CA ILE B 163 -0.14 -23.39 -1.22
C ILE B 163 1.39 -23.33 -1.28
N ARG B 164 2.06 -24.28 -0.62
CA ARG B 164 3.51 -24.30 -0.59
C ARG B 164 4.09 -24.47 -2.00
N LYS B 165 3.42 -25.26 -2.83
CA LYS B 165 3.83 -25.51 -4.21
C LYS B 165 3.77 -24.24 -5.08
N VAL B 166 2.61 -23.58 -5.12
CA VAL B 166 2.40 -22.45 -6.00
C VAL B 166 3.03 -21.17 -5.51
N THR B 167 3.33 -21.06 -4.19
CA THR B 167 4.03 -19.87 -3.66
C THR B 167 5.55 -20.06 -3.53
N ARG B 168 6.08 -21.23 -3.90
CA ARG B 168 7.52 -21.48 -3.79
C ARG B 168 8.42 -20.57 -4.67
N PRO B 169 8.04 -20.28 -5.92
CA PRO B 169 8.91 -19.45 -6.78
C PRO B 169 9.24 -18.10 -6.18
N ALA B 170 10.48 -17.64 -6.40
CA ALA B 170 10.90 -16.35 -5.85
C ALA B 170 10.00 -15.18 -6.34
N VAL B 171 9.45 -15.25 -7.58
CA VAL B 171 8.58 -14.17 -8.06
C VAL B 171 7.29 -14.04 -7.26
N LEU B 172 6.91 -15.06 -6.46
CA LEU B 172 5.71 -14.98 -5.61
C LEU B 172 6.04 -14.60 -4.14
N LYS B 173 7.30 -14.20 -3.86
CA LYS B 173 7.73 -13.92 -2.48
C LYS B 173 6.81 -12.96 -1.71
N ARG B 174 6.32 -11.91 -2.38
CA ARG B 174 5.43 -10.88 -1.79
C ARG B 174 3.95 -11.16 -1.98
N HIS B 175 3.59 -12.29 -2.63
CA HIS B 175 2.24 -12.54 -3.06
C HIS B 175 1.61 -13.84 -2.57
N GLY B 176 1.74 -14.12 -1.27
CA GLY B 176 0.95 -15.20 -0.68
C GLY B 176 -0.52 -14.77 -0.65
N VAL B 177 -1.43 -15.68 -0.25
CA VAL B 177 -2.88 -15.38 -0.22
C VAL B 177 -3.22 -14.15 0.65
N GLN B 178 -2.73 -14.13 1.90
CA GLN B 178 -3.04 -13.03 2.81
C GLN B 178 -2.44 -11.71 2.29
N GLU B 179 -1.25 -11.76 1.71
CA GLU B 179 -0.55 -10.61 1.17
C GLU B 179 -1.38 -10.05 -0.01
N CYS B 180 -1.91 -10.92 -0.89
CA CYS B 180 -2.72 -10.42 -2.02
C CYS B 180 -3.97 -9.70 -1.49
N ILE B 181 -4.64 -10.31 -0.47
CA ILE B 181 -5.87 -9.67 0.05
C ILE B 181 -5.57 -8.26 0.59
N LEU B 182 -4.47 -8.11 1.37
CA LEU B 182 -4.17 -6.78 1.91
C LEU B 182 -3.68 -5.81 0.81
N LEU B 183 -2.95 -6.32 -0.21
CA LEU B 183 -2.53 -5.45 -1.32
C LEU B 183 -3.77 -4.85 -2.04
N VAL B 184 -4.82 -5.66 -2.19
CA VAL B 184 -6.04 -5.18 -2.85
C VAL B 184 -6.77 -4.17 -1.98
N THR B 185 -6.96 -4.47 -0.68
CA THR B 185 -7.62 -3.51 0.22
C THR B 185 -6.87 -2.15 0.26
N GLN B 186 -5.54 -2.21 0.25
CA GLN B 186 -4.73 -0.98 0.32
C GLN B 186 -4.66 -0.21 -1.01
N ARG B 187 -5.03 -0.85 -2.12
CA ARG B 187 -4.89 -0.15 -3.43
C ARG B 187 -5.64 1.18 -3.50
N ILE B 188 -6.89 1.15 -3.09
CA ILE B 188 -7.75 2.32 -3.23
C ILE B 188 -7.25 3.55 -2.48
N THR B 189 -6.58 3.34 -1.32
CA THR B 189 -6.07 4.49 -0.58
C THR B 189 -4.72 5.02 -1.16
N LYS B 190 -4.12 4.34 -2.17
CA LYS B 190 -2.94 4.89 -2.82
C LYS B 190 -3.33 6.00 -3.83
N TYR B 191 -4.56 5.94 -4.40
CA TYR B 191 -4.92 6.86 -5.48
C TYR B 191 -4.81 8.35 -5.10
N PRO B 192 -5.35 8.83 -3.94
CA PRO B 192 -5.21 10.26 -3.64
C PRO B 192 -3.76 10.70 -3.51
N LEU B 193 -2.87 9.83 -2.98
CA LEU B 193 -1.47 10.17 -2.81
CA LEU B 193 -1.47 10.19 -2.80
C LEU B 193 -0.80 10.39 -4.19
N LEU B 194 -1.07 9.49 -5.13
CA LEU B 194 -0.49 9.59 -6.47
C LEU B 194 -1.09 10.81 -7.24
N ILE B 195 -2.41 10.96 -7.18
CA ILE B 195 -3.08 12.06 -7.89
C ILE B 195 -2.65 13.42 -7.35
N SER B 196 -2.53 13.57 -6.00
CA SER B 196 -2.11 14.83 -5.42
CA SER B 196 -2.12 14.85 -5.45
CA SER B 196 -2.11 14.83 -5.42
C SER B 196 -0.70 15.21 -5.90
N ARG B 197 0.20 14.21 -6.01
CA ARG B 197 1.57 14.52 -6.44
C ARG B 197 1.59 14.85 -7.97
N ILE B 198 0.75 14.19 -8.77
CA ILE B 198 0.66 14.52 -10.21
C ILE B 198 0.14 15.97 -10.36
N LEU B 199 -0.90 16.30 -9.58
CA LEU B 199 -1.51 17.62 -9.57
C LEU B 199 -0.48 18.70 -9.20
N GLN B 200 0.39 18.43 -8.22
CA GLN B 200 1.45 19.35 -7.81
C GLN B 200 2.33 19.81 -8.99
N HIS B 201 2.50 18.95 -10.01
CA HIS B 201 3.31 19.23 -11.19
C HIS B 201 2.46 19.42 -12.47
N SER B 202 1.16 19.77 -12.33
CA SER B 202 0.30 19.95 -13.51
C SER B 202 -0.32 21.33 -13.57
N HIS B 203 0.40 22.36 -13.11
CA HIS B 203 -0.16 23.71 -13.12
C HIS B 203 -0.01 24.45 -14.47
N GLY B 204 0.88 23.97 -15.35
CA GLY B 204 1.17 24.59 -16.63
C GLY B 204 -0.03 24.77 -17.54
N ILE B 205 -0.98 23.82 -17.50
CA ILE B 205 -2.21 23.92 -18.28
CA ILE B 205 -2.21 23.91 -18.28
C ILE B 205 -3.36 23.99 -17.29
N GLU B 206 -4.05 25.13 -17.20
CA GLU B 206 -5.15 25.31 -16.25
C GLU B 206 -6.27 24.26 -16.40
N GLU B 207 -6.63 23.87 -17.64
CA GLU B 207 -7.64 22.81 -17.85
C GLU B 207 -7.20 21.50 -17.12
N GLU B 208 -5.90 21.17 -17.18
CA GLU B 208 -5.40 19.93 -16.58
C GLU B 208 -5.40 20.00 -15.06
N ARG B 209 -4.96 21.14 -14.50
CA ARG B 209 -4.96 21.35 -13.04
C ARG B 209 -6.41 21.22 -12.51
N GLN B 210 -7.38 21.81 -13.24
CA GLN B 210 -8.79 21.72 -12.82
C GLN B 210 -9.30 20.27 -12.92
N ASP B 211 -8.99 19.56 -14.01
CA ASP B 211 -9.44 18.17 -14.17
C ASP B 211 -8.86 17.24 -13.08
N LEU B 212 -7.58 17.40 -12.73
CA LEU B 212 -6.96 16.58 -11.69
C LEU B 212 -7.55 16.94 -10.32
N THR B 213 -7.89 18.23 -10.10
CA THR B 213 -8.54 18.63 -8.83
C THR B 213 -9.92 17.95 -8.73
N THR B 214 -10.69 17.94 -9.85
CA THR B 214 -11.98 17.26 -9.86
C THR B 214 -11.80 15.75 -9.58
N ALA B 215 -10.80 15.13 -10.23
CA ALA B 215 -10.55 13.69 -10.06
C ALA B 215 -10.20 13.37 -8.59
N LEU B 216 -9.36 14.21 -7.97
CA LEU B 216 -8.95 13.99 -6.57
C LEU B 216 -10.19 14.01 -5.64
N GLY B 217 -11.10 14.95 -5.89
CA GLY B 217 -12.37 15.05 -5.16
C GLY B 217 -13.22 13.78 -5.31
N LEU B 218 -13.36 13.27 -6.56
CA LEU B 218 -14.14 12.05 -6.82
C LEU B 218 -13.52 10.82 -6.13
N VAL B 219 -12.18 10.70 -6.16
CA VAL B 219 -11.53 9.57 -5.48
C VAL B 219 -11.80 9.64 -3.97
N LYS B 220 -11.73 10.84 -3.38
CA LYS B 220 -12.00 11.00 -1.95
C LYS B 220 -13.45 10.66 -1.62
N GLU B 221 -14.39 10.99 -2.53
CA GLU B 221 -15.80 10.65 -2.32
CA GLU B 221 -15.80 10.65 -2.32
C GLU B 221 -15.96 9.12 -2.32
N LEU B 222 -15.26 8.41 -3.25
CA LEU B 222 -15.31 6.94 -3.33
C LEU B 222 -14.80 6.38 -1.97
N LEU B 223 -13.64 6.86 -1.50
CA LEU B 223 -13.04 6.34 -0.27
C LEU B 223 -13.92 6.59 0.95
N SER B 224 -14.51 7.79 1.04
CA SER B 224 -15.41 8.07 2.17
CA SER B 224 -15.40 8.09 2.15
C SER B 224 -16.61 7.12 2.18
N ASN B 225 -17.19 6.85 0.99
CA ASN B 225 -18.34 5.97 0.86
C ASN B 225 -18.00 4.52 1.17
N VAL B 226 -16.83 4.05 0.68
CA VAL B 226 -16.41 2.68 0.98
C VAL B 226 -16.18 2.52 2.50
N ASP B 227 -15.49 3.51 3.10
CA ASP B 227 -15.16 3.48 4.52
C ASP B 227 -16.42 3.42 5.39
N GLU B 228 -17.48 4.16 4.97
CA GLU B 228 -18.76 4.18 5.68
C GLU B 228 -19.60 2.91 5.46
N GLY B 229 -19.32 2.19 4.37
CA GLY B 229 -20.08 1.01 4.02
C GLY B 229 -19.50 -0.32 4.46
N ILE B 230 -18.43 -0.28 5.28
CA ILE B 230 -17.76 -1.49 5.75
C ILE B 230 -18.26 -1.95 7.12
N TYR B 231 -18.55 -3.24 7.25
CA TYR B 231 -18.85 -3.86 8.53
C TYR B 231 -18.29 -5.29 8.38
N GLN B 232 -17.27 -5.66 9.18
CA GLN B 232 -16.63 -6.97 9.12
CA GLN B 232 -16.66 -6.98 9.03
C GLN B 232 -17.61 -8.14 9.27
N LEU B 233 -17.66 -9.03 8.29
CA LEU B 233 -18.45 -10.24 8.37
C LEU B 233 -17.62 -11.27 9.17
N GLU B 234 -18.31 -12.10 9.92
CA GLU B 234 -17.62 -13.14 10.70
C GLU B 234 -18.38 -14.41 10.53
N LYS B 235 -17.69 -15.51 10.20
CA LYS B 235 -18.34 -16.81 10.06
C LYS B 235 -18.93 -17.23 11.41
N GLY B 236 -20.21 -17.60 11.43
CA GLY B 236 -20.87 -18.01 12.65
C GLY B 236 -21.31 -16.86 13.55
N ALA B 237 -21.33 -15.62 13.03
CA ALA B 237 -21.78 -14.48 13.84
C ALA B 237 -23.28 -14.62 14.08
N ARG B 238 -23.71 -14.28 15.28
CA ARG B 238 -25.13 -14.38 15.62
C ARG B 238 -25.79 -13.03 15.39
N LEU B 239 -27.08 -13.06 15.08
CA LEU B 239 -27.88 -11.86 14.84
CA LEU B 239 -27.84 -11.84 14.84
C LEU B 239 -27.78 -10.88 16.03
N GLN B 240 -27.85 -11.41 17.26
CA GLN B 240 -27.75 -10.58 18.46
C GLN B 240 -26.42 -9.78 18.50
N GLU B 241 -25.30 -10.41 18.11
CA GLU B 241 -24.02 -9.69 18.07
C GLU B 241 -24.06 -8.60 16.99
N ILE B 242 -24.78 -8.83 15.89
CA ILE B 242 -24.89 -7.86 14.80
C ILE B 242 -25.76 -6.67 15.19
N TYR B 243 -27.01 -6.88 15.62
CA TYR B 243 -27.88 -5.74 15.96
C TYR B 243 -27.45 -5.02 17.25
N ASN B 244 -26.49 -5.55 18.02
CA ASN B 244 -25.96 -4.83 19.19
C ASN B 244 -24.65 -4.10 18.87
N ARG B 245 -24.34 -3.88 17.56
CA ARG B 245 -23.13 -3.18 17.14
C ARG B 245 -23.15 -1.76 17.69
N1 W0Y C . 6.04 11.09 -1.84
C4 W0Y C . 9.82 12.10 -0.48
C5 W0Y C . 8.74 11.83 -1.32
C6 W0Y C . 8.76 12.26 -2.63
C7 W0Y C . 9.87 12.94 -3.12
O2 W0Y C . 6.86 11.54 0.59
S W0Y C . 7.29 10.96 -0.69
O1 W0Y C . 7.59 9.56 -0.31
C3 W0Y C . 10.92 12.79 -0.97
C2 W0Y C . 10.93 13.21 -2.29
C1 W0Y C . 12.16 13.92 -2.85
O W0Y C . 12.18 14.23 -3.99
N W0Y C . 13.30 14.17 -1.96
C W0Y C . 14.50 14.83 -2.45
N1 W0Y D . -6.06 -6.40 13.75
C4 W0Y D . -9.85 -7.72 12.67
C5 W0Y D . -8.82 -6.83 12.93
C6 W0Y D . -8.83 -5.56 12.38
C7 W0Y D . -9.86 -5.17 11.56
O2 W0Y D . -7.18 -8.76 13.88
S W0Y D . -7.45 -7.32 14.03
O1 W0Y D . -7.84 -7.22 15.45
C3 W0Y D . -10.90 -7.32 11.87
C2 W0Y D . -10.89 -6.06 11.29
C1 W0Y D . -12.01 -5.64 10.34
O W0Y D . -12.52 -6.46 9.67
N W0Y D . -12.39 -4.25 10.21
C W0Y D . -13.44 -3.86 9.28
N1 W0Y E . 20.34 -8.07 9.83
C4 W0Y E . 23.14 -9.18 8.42
C5 W0Y E . 22.41 -8.13 7.90
C6 W0Y E . 23.04 -7.12 7.20
C7 W0Y E . 24.41 -7.17 7.02
O2 W0Y E . 19.97 -9.26 7.55
S W0Y E . 20.62 -8.09 8.15
O1 W0Y E . 19.96 -6.97 7.47
C3 W0Y E . 24.52 -9.23 8.25
C2 W0Y E . 25.16 -8.21 7.54
C1 W0Y E . 26.67 -8.18 7.28
O W0Y E . 27.07 -7.27 6.64
N W0Y E . 27.66 -9.16 7.75
C W0Y E . 27.40 -10.35 8.54
S DMS F . 17.76 6.78 21.44
O DMS F . 17.43 7.43 22.78
C1 DMS F . 19.27 5.82 21.71
C2 DMS F . 18.46 8.10 20.42
C FMT G . 14.72 5.77 30.00
O1 FMT G . 15.31 4.71 29.74
O2 FMT G . 14.58 6.77 29.12
C FMT H . 11.17 -8.87 -1.64
O1 FMT H . 10.01 -8.60 -1.37
O2 FMT H . 11.76 -8.68 -2.87
C FMT I . -5.29 8.24 13.66
O1 FMT I . -5.36 9.19 14.44
O2 FMT I . -5.37 8.37 12.30
C FMT J . -9.55 -7.10 19.10
O1 FMT J . -10.35 -6.37 18.54
O2 FMT J . -8.37 -7.54 18.54
N1 W0Y K . -20.25 5.59 -5.46
C4 W0Y K . -18.96 9.23 -6.78
C5 W0Y K . -19.45 7.92 -6.84
C6 W0Y K . -20.25 7.53 -7.90
C7 W0Y K . -20.61 8.42 -8.89
O2 W0Y K . -18.60 7.35 -4.32
S W0Y K . -19.00 6.72 -5.57
O1 W0Y K . -17.72 6.05 -5.96
C3 W0Y K . -19.31 10.12 -7.77
C2 W0Y K . -20.13 9.72 -8.82
C1 W0Y K . -20.47 10.73 -9.92
O W0Y K . -20.83 10.38 -10.99
N W0Y K . -20.26 12.13 -9.64
C W0Y K . -20.54 13.12 -10.67
S DMS L . 3.01 11.79 -31.42
O DMS L . 1.81 11.15 -30.75
C1 DMS L . 4.09 12.47 -30.14
C2 DMS L . 2.43 13.39 -32.11
S DMS M . 2.64 20.60 -16.37
O DMS M . 2.86 21.87 -15.57
C1 DMS M . 4.30 19.90 -16.57
C2 DMS M . 2.43 21.16 -18.09
S DMS N . -1.66 -30.70 8.27
O DMS N . -1.94 -29.40 7.57
C1 DMS N . -3.08 -31.12 9.31
C2 DMS N . -0.53 -30.36 9.64
S DMS O . 15.46 18.03 -17.54
O DMS O . 16.03 16.98 -18.45
C1 DMS O . 16.10 19.63 -18.10
C2 DMS O . 16.42 17.97 -16.00
C FMT P . -2.02 19.69 -23.35
O1 FMT P . -3.09 19.43 -23.85
O2 FMT P . -1.83 19.96 -22.04
C FMT Q . -2.48 12.71 -23.73
O1 FMT Q . -2.84 12.47 -22.61
O2 FMT Q . -1.60 13.64 -24.03
C FMT R . -4.91 14.09 -0.49
O1 FMT R . -4.95 15.28 -0.79
O2 FMT R . -3.81 13.30 -0.55
C FMT S . -19.93 -6.76 -5.95
O1 FMT S . -20.55 -6.38 -4.97
O2 FMT S . -19.03 -7.78 -5.93
C FMT T . -17.61 15.03 -13.15
O1 FMT T . -17.73 15.48 -12.02
O2 FMT T . -18.14 13.85 -13.59
C FMT U . -21.47 -14.05 6.28
O1 FMT U . -20.46 -14.70 6.06
O2 FMT U . -21.72 -13.43 7.43
C FMT V . 2.03 20.93 -24.63
O1 FMT V . 2.12 21.97 -23.99
O2 FMT V . 2.84 20.60 -25.67
#